data_4DFC
#
_entry.id   4DFC
#
_cell.length_a   119.168
_cell.length_b   119.168
_cell.length_c   234.334
_cell.angle_alpha   90.00
_cell.angle_beta   90.00
_cell.angle_gamma   120.00
#
_symmetry.space_group_name_H-M   'P 62 2 2'
#
loop_
_entity.id
_entity.type
_entity.pdbx_description
1 polymer 'Transcription-repair-coupling factor'
2 polymer 'UvrABC system protein A'
#
loop_
_entity_poly.entity_id
_entity_poly.type
_entity_poly.pdbx_seq_one_letter_code
_entity_poly.pdbx_strand_id
1 'polypeptide(L)'
;GPHMASALVMKKGQRLSRDALRTQLDSAGYRHVDQVMEHGEYATRGALLDLFPMGSELPYRLDFFDDEIDSLRVFDVDSQ
RTLEEVEAINLLP
;
A,C
2 'polypeptide(L)'
;GPHMASTVSQMVDNVLSQPEGKRLMLLAPIIKERKGEHTKTLENLASQGYIRARIDGEVCDLSDPPKLELQKKHTIEVVV
DRFKVRDDLTQRLAESFETALELSGGTAVVADMDDPKAEELLFSAN
;
B,D
#
# COMPACT_ATOMS: atom_id res chain seq x y z
N VAL A 9 -27.22 8.59 3.74
CA VAL A 9 -27.27 8.57 5.21
C VAL A 9 -27.05 7.15 5.79
N MET A 10 -26.24 7.05 6.85
CA MET A 10 -25.83 5.76 7.42
C MET A 10 -26.12 5.56 8.92
N LYS A 11 -26.72 4.42 9.26
CA LYS A 11 -27.18 4.16 10.62
C LYS A 11 -26.52 2.92 11.21
N LYS A 12 -26.52 2.85 12.54
CA LYS A 12 -26.03 1.69 13.27
C LYS A 12 -26.98 0.50 13.02
N GLY A 13 -26.41 -0.65 12.72
CA GLY A 13 -27.21 -1.86 12.52
C GLY A 13 -27.86 -1.93 11.15
N GLN A 14 -27.42 -1.06 10.25
CA GLN A 14 -27.91 -1.02 8.89
C GLN A 14 -27.07 -1.93 8.01
N ARG A 15 -27.70 -2.85 7.29
CA ARG A 15 -26.96 -3.75 6.40
C ARG A 15 -26.54 -3.05 5.12
N LEU A 16 -25.45 -3.51 4.50
CA LEU A 16 -25.01 -2.95 3.21
C LEU A 16 -23.70 -3.55 2.61
N SER A 17 -23.44 -3.21 1.36
CA SER A 17 -22.38 -3.85 0.60
C SER A 17 -21.05 -3.10 0.69
N ARG A 18 -20.00 -3.77 1.15
CA ARG A 18 -18.72 -3.10 1.29
C ARG A 18 -18.18 -2.56 -0.05
N ASP A 19 -18.22 -3.40 -1.07
CA ASP A 19 -17.65 -3.03 -2.37
C ASP A 19 -18.51 -2.01 -3.12
N ALA A 20 -19.81 -1.99 -2.85
CA ALA A 20 -20.72 -1.03 -3.47
C ALA A 20 -20.38 0.39 -3.01
N LEU A 21 -20.18 0.53 -1.71
CA LEU A 21 -19.77 1.80 -1.12
C LEU A 21 -18.44 2.30 -1.73
N ARG A 22 -17.45 1.43 -1.77
CA ARG A 22 -16.12 1.83 -2.20
C ARG A 22 -16.08 2.38 -3.62
N THR A 23 -16.64 1.67 -4.59
CA THR A 23 -16.70 2.25 -5.93
C THR A 23 -17.59 3.51 -5.97
N GLN A 24 -18.61 3.55 -5.13
CA GLN A 24 -19.48 4.74 -5.04
C GLN A 24 -18.72 6.01 -4.64
N LEU A 25 -17.97 5.94 -3.55
CA LEU A 25 -17.18 7.08 -3.09
C LEU A 25 -16.13 7.46 -4.12
N ASP A 26 -15.58 6.46 -4.81
CA ASP A 26 -14.61 6.75 -5.84
C ASP A 26 -15.21 7.70 -6.87
N SER A 27 -16.43 7.38 -7.32
CA SER A 27 -17.12 8.18 -8.33
C SER A 27 -17.59 9.53 -7.80
N ALA A 28 -17.98 9.57 -6.52
CA ALA A 28 -18.36 10.81 -5.84
C ALA A 28 -17.15 11.72 -5.63
N GLY A 29 -15.96 11.19 -5.96
CA GLY A 29 -14.74 11.98 -5.96
C GLY A 29 -13.91 11.87 -4.69
N TYR A 30 -14.22 10.90 -3.85
CA TYR A 30 -13.46 10.63 -2.63
C TYR A 30 -12.18 9.87 -2.96
N ARG A 31 -11.14 10.12 -2.16
CA ARG A 31 -9.84 9.52 -2.35
C ARG A 31 -9.58 8.38 -1.37
N HIS A 32 -8.98 7.32 -1.89
CA HIS A 32 -8.64 6.16 -1.07
C HIS A 32 -7.23 6.39 -0.55
N VAL A 33 -7.10 6.44 0.76
CA VAL A 33 -5.80 6.67 1.40
C VAL A 33 -5.49 5.61 2.45
N ASP A 34 -4.22 5.57 2.89
CA ASP A 34 -3.80 4.66 3.95
C ASP A 34 -4.38 5.09 5.29
N GLN A 35 -4.45 6.41 5.47
CA GLN A 35 -4.76 7.02 6.77
C GLN A 35 -5.67 8.24 6.53
N VAL A 36 -6.87 8.28 7.11
CA VAL A 36 -7.71 9.45 6.87
C VAL A 36 -7.25 10.70 7.62
N MET A 37 -6.98 11.77 6.88
CA MET A 37 -6.51 13.04 7.45
C MET A 37 -7.47 14.23 7.23
N GLU A 38 -7.77 14.55 5.97
CA GLU A 38 -8.73 15.61 5.68
C GLU A 38 -10.00 15.19 4.93
N HIS A 39 -10.80 16.18 4.56
CA HIS A 39 -12.05 16.03 3.84
C HIS A 39 -11.95 15.21 2.55
N GLY A 40 -12.95 14.36 2.30
CA GLY A 40 -13.06 13.65 1.05
C GLY A 40 -12.11 12.49 0.90
N GLU A 41 -11.82 11.84 2.02
CA GLU A 41 -10.92 10.70 2.04
C GLU A 41 -11.59 9.53 2.75
N TYR A 42 -11.19 8.31 2.40
CA TYR A 42 -11.63 7.13 3.12
C TYR A 42 -10.45 6.17 3.19
N ALA A 43 -10.52 5.23 4.13
CA ALA A 43 -9.43 4.31 4.36
C ALA A 43 -10.00 2.95 4.71
N THR A 44 -9.27 1.88 4.40
CA THR A 44 -9.77 0.58 4.81
C THR A 44 -8.77 -0.26 5.59
N ARG A 45 -9.24 -0.76 6.72
CA ARG A 45 -8.50 -1.70 7.54
C ARG A 45 -9.44 -2.84 7.90
N GLY A 46 -9.32 -4.00 7.26
CA GLY A 46 -10.20 -5.11 7.60
C GLY A 46 -11.69 -4.75 7.64
N ALA A 47 -12.28 -5.03 8.79
CA ALA A 47 -13.66 -4.70 9.12
C ALA A 47 -13.99 -3.23 9.12
N LEU A 48 -12.97 -2.38 9.05
CA LEU A 48 -13.13 -0.96 9.35
C LEU A 48 -13.04 -0.10 8.10
N LEU A 49 -13.93 0.88 8.00
CA LEU A 49 -13.84 1.86 6.92
C LEU A 49 -13.88 3.26 7.51
N ASP A 50 -12.76 3.99 7.41
CA ASP A 50 -12.70 5.36 7.93
C ASP A 50 -13.17 6.30 6.83
N LEU A 51 -14.01 7.26 7.18
CA LEU A 51 -14.64 8.11 6.17
C LEU A 51 -14.76 9.55 6.64
N PHE A 52 -14.37 10.52 5.79
CA PHE A 52 -14.49 11.93 6.14
C PHE A 52 -15.39 12.67 5.13
N PRO A 53 -16.70 12.69 5.40
CA PRO A 53 -17.64 13.22 4.41
C PRO A 53 -17.33 14.66 4.06
N MET A 54 -17.49 15.04 2.80
CA MET A 54 -17.25 16.40 2.37
C MET A 54 -18.23 17.29 3.13
N GLY A 55 -17.71 18.29 3.84
CA GLY A 55 -18.55 19.21 4.57
C GLY A 55 -18.75 18.90 6.05
N SER A 56 -18.51 17.66 6.45
CA SER A 56 -18.65 17.29 7.85
C SER A 56 -17.47 17.81 8.69
N GLU A 57 -17.77 18.37 9.85
CA GLU A 57 -16.72 18.88 10.73
C GLU A 57 -15.83 17.73 11.22
N LEU A 58 -16.49 16.63 11.59
CA LEU A 58 -15.87 15.42 12.17
C LEU A 58 -15.93 14.15 11.28
N PRO A 59 -14.80 13.42 11.11
CA PRO A 59 -14.71 12.15 10.35
C PRO A 59 -15.27 10.92 11.10
N TYR A 60 -15.66 9.87 10.37
CA TYR A 60 -16.31 8.72 10.99
C TYR A 60 -15.66 7.38 10.69
N ARG A 61 -15.74 6.48 11.66
CA ARG A 61 -15.12 5.15 11.58
C ARG A 61 -16.17 4.05 11.78
N LEU A 62 -16.43 3.29 10.72
CA LEU A 62 -17.54 2.33 10.67
C LEU A 62 -17.03 0.92 10.85
N ASP A 63 -17.56 0.22 11.84
CA ASP A 63 -17.12 -1.15 12.11
C ASP A 63 -18.05 -2.17 11.45
N PHE A 64 -17.53 -2.89 10.46
CA PHE A 64 -18.34 -3.91 9.78
C PHE A 64 -18.20 -5.31 10.34
N PHE A 65 -19.33 -5.87 10.75
CA PHE A 65 -19.44 -7.29 11.07
C PHE A 65 -20.15 -7.93 9.88
N ASP A 66 -19.41 -8.75 9.12
CA ASP A 66 -19.88 -9.18 7.82
C ASP A 66 -20.35 -7.96 7.03
N ASP A 67 -21.63 -7.93 6.65
CA ASP A 67 -22.17 -6.85 5.85
C ASP A 67 -22.95 -5.81 6.66
N GLU A 68 -23.02 -5.97 7.97
CA GLU A 68 -23.77 -5.04 8.82
C GLU A 68 -22.85 -4.06 9.58
N ILE A 69 -23.32 -2.81 9.72
CA ILE A 69 -22.57 -1.80 10.46
C ILE A 69 -22.80 -2.03 11.94
N ASP A 70 -21.75 -2.36 12.66
CA ASP A 70 -21.85 -2.67 14.07
C ASP A 70 -21.86 -1.39 14.89
N SER A 71 -21.02 -0.44 14.49
CA SER A 71 -20.88 0.81 15.21
C SER A 71 -20.44 1.90 14.27
N LEU A 72 -20.91 3.12 14.54
CA LEU A 72 -20.39 4.32 13.91
C LEU A 72 -19.69 5.18 14.95
N ARG A 73 -18.37 5.26 14.90
CA ARG A 73 -17.64 6.05 15.89
C ARG A 73 -16.96 7.27 15.28
N VAL A 74 -16.98 8.39 16.01
CA VAL A 74 -16.17 9.53 15.61
C VAL A 74 -14.73 9.26 16.00
N PHE A 75 -13.79 9.80 15.25
CA PHE A 75 -12.40 9.62 15.56
C PHE A 75 -11.65 10.88 15.21
N ASP A 76 -10.56 11.11 15.93
CA ASP A 76 -9.71 12.28 15.75
C ASP A 76 -8.63 11.99 14.69
N VAL A 77 -8.49 12.88 13.73
CA VAL A 77 -7.53 12.66 12.64
C VAL A 77 -6.08 12.52 13.09
N ASP A 78 -5.67 13.30 14.09
CA ASP A 78 -4.27 13.30 14.52
C ASP A 78 -3.85 12.08 15.34
N SER A 79 -4.62 11.74 16.39
CA SER A 79 -4.35 10.52 17.16
C SER A 79 -4.83 9.27 16.45
N GLN A 80 -5.77 9.43 15.54
CA GLN A 80 -6.40 8.30 14.85
C GLN A 80 -7.19 7.41 15.80
N ARG A 81 -7.66 7.99 16.91
CA ARG A 81 -8.31 7.21 17.96
C ARG A 81 -9.82 7.42 18.05
N THR A 82 -10.53 6.35 18.40
CA THR A 82 -11.98 6.33 18.39
C THR A 82 -12.54 7.14 19.55
N LEU A 83 -13.34 8.15 19.24
CA LEU A 83 -14.10 8.90 20.26
C LEU A 83 -15.49 8.27 20.46
N GLU A 84 -16.40 9.02 21.04
CA GLU A 84 -17.77 8.52 21.29
C GLU A 84 -18.49 7.96 20.05
N GLU A 85 -19.38 7.01 20.29
CA GLU A 85 -20.24 6.43 19.25
C GLU A 85 -21.41 7.34 18.83
N VAL A 86 -21.80 7.27 17.56
CA VAL A 86 -23.03 7.90 17.07
C VAL A 86 -23.98 6.85 16.45
N GLU A 87 -25.27 7.14 16.46
CA GLU A 87 -26.28 6.23 15.90
C GLU A 87 -26.37 6.36 14.38
N ALA A 88 -26.12 7.55 13.86
CA ALA A 88 -26.24 7.79 12.43
C ALA A 88 -25.34 8.92 11.91
N ILE A 89 -25.05 8.87 10.61
CA ILE A 89 -24.28 9.90 9.94
C ILE A 89 -24.87 10.10 8.55
N ASN A 90 -24.79 11.32 8.02
CA ASN A 90 -25.37 11.60 6.71
C ASN A 90 -24.31 11.72 5.63
N LEU A 91 -24.74 11.89 4.39
CA LEU A 91 -23.82 11.97 3.28
C LEU A 91 -24.32 12.90 2.18
N LEU A 92 -23.40 13.64 1.55
CA LEU A 92 -23.74 14.51 0.44
C LEU A 92 -23.38 13.85 -0.89
N PRO A 93 -24.34 13.82 -1.83
CA PRO A 93 -24.20 13.22 -3.16
C PRO A 93 -23.01 13.82 -3.92
N MET B 4 1.54 -24.78 7.26
CA MET B 4 1.90 -25.30 5.95
C MET B 4 2.37 -24.20 4.99
N ALA B 5 2.32 -22.94 5.45
CA ALA B 5 2.82 -21.78 4.69
C ALA B 5 2.11 -21.50 3.36
N SER B 6 0.83 -21.18 3.43
CA SER B 6 -0.03 -20.89 2.28
C SER B 6 0.07 -19.49 1.59
N THR B 7 -0.48 -19.39 0.38
CA THR B 7 -0.80 -18.11 -0.26
C THR B 7 -2.02 -17.49 0.45
N VAL B 8 -2.25 -16.19 0.24
CA VAL B 8 -3.46 -15.57 0.79
C VAL B 8 -4.74 -16.20 0.22
N SER B 9 -4.73 -16.52 -1.07
CA SER B 9 -5.86 -17.25 -1.65
C SER B 9 -6.10 -18.57 -0.90
N GLN B 10 -5.03 -19.30 -0.62
CA GLN B 10 -5.13 -20.58 0.09
C GLN B 10 -5.62 -20.44 1.53
N MET B 11 -5.21 -19.36 2.21
CA MET B 11 -5.71 -19.09 3.55
C MET B 11 -7.21 -18.84 3.49
N VAL B 12 -7.60 -17.86 2.69
CA VAL B 12 -8.99 -17.49 2.54
C VAL B 12 -9.83 -18.73 2.27
N ASP B 13 -9.25 -19.72 1.60
CA ASP B 13 -9.96 -20.94 1.24
C ASP B 13 -10.19 -21.96 2.37
N ASN B 14 -9.25 -22.08 3.30
CA ASN B 14 -9.46 -22.92 4.49
C ASN B 14 -10.52 -22.33 5.45
N VAL B 15 -10.45 -21.02 5.70
CA VAL B 15 -11.61 -20.32 6.22
C VAL B 15 -12.59 -20.46 5.05
N LEU B 16 -13.90 -20.37 5.27
CA LEU B 16 -14.89 -20.57 4.18
C LEU B 16 -15.09 -22.04 3.76
N SER B 17 -14.15 -22.89 4.14
CA SER B 17 -14.25 -24.33 4.04
C SER B 17 -14.76 -24.82 5.39
N GLN B 18 -15.30 -23.87 6.15
CA GLN B 18 -15.65 -24.04 7.55
C GLN B 18 -17.15 -24.04 7.67
N PRO B 19 -17.69 -24.70 8.71
CA PRO B 19 -19.14 -24.88 8.83
C PRO B 19 -19.95 -23.63 8.54
N GLU B 20 -21.00 -23.74 7.74
CA GLU B 20 -21.79 -22.58 7.32
C GLU B 20 -22.28 -21.73 8.49
N GLY B 21 -22.23 -20.42 8.32
CA GLY B 21 -22.80 -19.48 9.28
C GLY B 21 -22.14 -19.38 10.65
N LYS B 22 -20.98 -20.04 10.76
CA LYS B 22 -20.13 -20.00 11.95
C LYS B 22 -19.45 -18.64 12.02
N ARG B 23 -19.44 -18.01 13.20
CA ARG B 23 -18.87 -16.68 13.29
C ARG B 23 -17.38 -16.67 13.68
N LEU B 24 -16.54 -16.19 12.78
CA LEU B 24 -15.11 -16.27 13.01
C LEU B 24 -14.49 -14.87 13.14
N MET B 25 -13.38 -14.77 13.88
CA MET B 25 -12.61 -13.53 13.91
C MET B 25 -11.24 -13.76 13.31
N LEU B 26 -10.80 -12.84 12.47
CA LEU B 26 -9.45 -12.88 11.95
C LEU B 26 -8.51 -11.99 12.82
N LEU B 27 -7.41 -12.57 13.33
CA LEU B 27 -6.49 -11.85 14.22
C LEU B 27 -5.05 -11.70 13.72
N ALA B 28 -4.44 -10.55 14.02
CA ALA B 28 -2.99 -10.37 13.83
C ALA B 28 -2.29 -10.53 15.17
N PRO B 29 -1.47 -11.59 15.29
CA PRO B 29 -0.62 -11.73 16.48
C PRO B 29 0.42 -10.59 16.56
N ILE B 30 0.46 -9.91 17.69
CA ILE B 30 1.42 -8.83 17.82
C ILE B 30 2.55 -9.25 18.71
N ILE B 31 2.22 -9.56 19.97
CA ILE B 31 3.21 -10.09 20.91
C ILE B 31 2.66 -11.37 21.56
N LYS B 32 3.51 -12.37 21.75
CA LYS B 32 3.06 -13.68 22.20
C LYS B 32 3.80 -14.24 23.43
N GLU B 33 3.08 -14.33 24.55
CA GLU B 33 3.61 -14.91 25.80
C GLU B 33 4.85 -14.21 26.37
N ARG B 34 4.89 -12.88 26.25
CA ARG B 34 6.04 -12.11 26.69
C ARG B 34 5.72 -11.14 27.84
N LYS B 35 6.52 -11.22 28.92
CA LYS B 35 6.45 -10.30 30.07
C LYS B 35 6.72 -8.82 29.67
N GLY B 36 5.96 -7.90 30.26
CA GLY B 36 6.14 -6.48 30.01
C GLY B 36 4.80 -5.77 30.15
N GLU B 37 4.77 -4.45 30.11
CA GLU B 37 3.50 -3.75 30.16
C GLU B 37 2.98 -3.38 28.79
N HIS B 38 3.83 -3.53 27.79
CA HIS B 38 3.43 -3.36 26.39
C HIS B 38 2.66 -2.07 26.13
N THR B 39 2.93 -1.04 26.92
CA THR B 39 2.28 0.26 26.74
C THR B 39 2.55 0.85 25.35
N LYS B 40 3.71 0.49 24.78
CA LYS B 40 4.15 1.10 23.53
C LYS B 40 3.47 0.52 22.29
N THR B 41 3.37 -0.82 22.20
CA THR B 41 2.64 -1.45 21.09
C THR B 41 1.14 -1.17 21.21
N LEU B 42 0.62 -1.27 22.44
CA LEU B 42 -0.80 -0.98 22.69
C LEU B 42 -1.13 0.45 22.29
N GLU B 43 -0.13 1.31 22.38
CA GLU B 43 -0.31 2.71 21.99
C GLU B 43 -0.17 2.82 20.48
N ASN B 44 0.78 2.05 19.95
CA ASN B 44 1.07 2.07 18.53
C ASN B 44 -0.09 1.48 17.72
N LEU B 45 -0.69 0.39 18.22
CA LEU B 45 -1.87 -0.21 17.58
C LEU B 45 -3.03 0.79 17.54
N ALA B 46 -3.21 1.55 18.60
CA ALA B 46 -4.30 2.51 18.62
C ALA B 46 -4.08 3.59 17.59
N SER B 47 -2.83 3.88 17.29
CA SER B 47 -2.49 4.99 16.39
C SER B 47 -2.59 4.58 14.94
N GLN B 48 -2.55 3.27 14.70
CA GLN B 48 -2.68 2.72 13.35
C GLN B 48 -4.14 2.76 12.94
N GLY B 49 -5.02 2.93 13.92
CA GLY B 49 -6.45 3.05 13.67
C GLY B 49 -7.31 1.89 14.13
N TYR B 50 -6.71 0.81 14.60
CA TYR B 50 -7.48 -0.33 15.09
C TYR B 50 -8.21 -0.03 16.41
N ILE B 51 -9.29 -0.78 16.66
CA ILE B 51 -10.22 -0.55 17.77
C ILE B 51 -10.28 -1.71 18.78
N ARG B 52 -10.42 -2.92 18.29
CA ARG B 52 -10.53 -4.09 19.13
C ARG B 52 -9.25 -4.92 19.11
N ALA B 53 -8.90 -5.48 20.27
CA ALA B 53 -7.80 -6.42 20.40
C ALA B 53 -8.15 -7.58 21.33
N ARG B 54 -7.46 -8.70 21.18
CA ARG B 54 -7.62 -9.83 22.10
C ARG B 54 -6.38 -9.94 22.98
N ILE B 55 -6.54 -9.65 24.27
CA ILE B 55 -5.41 -9.49 25.18
C ILE B 55 -5.52 -10.48 26.34
N ASP B 56 -4.62 -11.46 26.36
CA ASP B 56 -4.81 -12.62 27.25
C ASP B 56 -6.21 -13.21 27.10
N GLY B 57 -6.60 -13.45 25.85
CA GLY B 57 -7.86 -14.10 25.54
C GLY B 57 -9.12 -13.36 25.94
N GLU B 58 -9.01 -12.06 26.15
CA GLU B 58 -10.20 -11.24 26.30
C GLU B 58 -10.23 -10.22 25.17
N VAL B 59 -11.41 -9.88 24.69
CA VAL B 59 -11.56 -8.85 23.67
C VAL B 59 -11.62 -7.47 24.31
N CYS B 60 -10.84 -6.52 23.79
CA CYS B 60 -10.68 -5.21 24.45
C CYS B 60 -10.76 -4.01 23.50
N ASP B 61 -11.22 -2.87 24.01
CA ASP B 61 -11.18 -1.60 23.28
C ASP B 61 -9.76 -1.03 23.35
N LEU B 62 -9.13 -0.81 22.18
CA LEU B 62 -7.76 -0.31 22.12
C LEU B 62 -7.65 1.17 22.50
N SER B 63 -8.79 1.81 22.66
CA SER B 63 -8.86 3.21 23.05
C SER B 63 -8.71 3.34 24.56
N ASP B 64 -9.10 2.28 25.26
CA ASP B 64 -9.04 2.18 26.71
C ASP B 64 -8.66 0.74 27.08
N PRO B 65 -7.41 0.35 26.82
CA PRO B 65 -6.94 -1.02 27.09
C PRO B 65 -6.94 -1.33 28.57
N PRO B 66 -6.87 -2.62 28.91
CA PRO B 66 -6.65 -3.04 30.30
C PRO B 66 -5.17 -2.83 30.63
N LYS B 67 -4.83 -2.66 31.89
CA LYS B 67 -3.43 -2.47 32.22
C LYS B 67 -2.77 -3.81 32.52
N LEU B 68 -1.71 -4.14 31.77
CA LEU B 68 -1.03 -5.41 31.92
C LEU B 68 0.03 -5.41 33.04
N GLU B 69 0.03 -6.43 33.89
CA GLU B 69 0.99 -6.52 34.97
C GLU B 69 2.40 -6.65 34.43
N LEU B 70 3.30 -5.81 34.93
CA LEU B 70 4.67 -5.74 34.46
C LEU B 70 5.27 -7.14 34.40
N GLN B 71 5.14 -7.87 35.50
CA GLN B 71 5.82 -9.13 35.70
C GLN B 71 5.06 -10.37 35.23
N LYS B 72 3.94 -10.16 34.53
CA LYS B 72 3.15 -11.27 33.99
C LYS B 72 3.36 -11.45 32.50
N LYS B 73 3.32 -12.70 32.06
CA LYS B 73 3.33 -13.01 30.63
C LYS B 73 2.01 -12.57 30.01
N HIS B 74 2.10 -11.87 28.89
CA HIS B 74 0.91 -11.41 28.15
C HIS B 74 1.03 -11.78 26.69
N THR B 75 -0.10 -11.87 26.01
CA THR B 75 -0.07 -12.01 24.57
C THR B 75 -1.18 -11.11 24.00
N ILE B 76 -0.88 -10.46 22.88
CA ILE B 76 -1.75 -9.45 22.28
C ILE B 76 -1.99 -9.68 20.80
N GLU B 77 -3.26 -9.71 20.39
CA GLU B 77 -3.60 -9.81 18.97
C GLU B 77 -4.61 -8.73 18.59
N VAL B 78 -4.46 -8.15 17.41
CA VAL B 78 -5.49 -7.25 16.88
C VAL B 78 -6.64 -8.04 16.27
N VAL B 79 -7.86 -7.54 16.44
CA VAL B 79 -8.96 -8.15 15.71
C VAL B 79 -9.14 -7.35 14.43
N VAL B 80 -8.67 -7.91 13.32
CA VAL B 80 -8.72 -7.25 12.01
C VAL B 80 -10.12 -7.31 11.40
N ASP B 81 -10.82 -8.43 11.59
CA ASP B 81 -12.10 -8.66 10.94
C ASP B 81 -13.00 -9.64 11.69
N ARG B 82 -14.31 -9.46 11.52
CA ARG B 82 -15.30 -10.37 12.08
C ARG B 82 -16.34 -10.74 11.00
N PHE B 83 -16.48 -12.03 10.68
CA PHE B 83 -17.32 -12.42 9.55
C PHE B 83 -18.12 -13.72 9.76
N LYS B 84 -19.11 -13.95 8.89
CA LYS B 84 -20.07 -15.06 9.04
C LYS B 84 -19.90 -16.41 8.29
N VAL B 85 -18.98 -16.54 7.33
CA VAL B 85 -18.89 -17.80 6.52
C VAL B 85 -20.04 -18.22 5.55
N ARG B 86 -20.11 -17.56 4.38
CA ARG B 86 -21.12 -17.80 3.33
C ARG B 86 -20.66 -18.73 2.18
N LEU B 89 -18.58 -11.90 -1.01
CA LEU B 89 -17.42 -12.13 -0.11
C LEU B 89 -16.15 -12.64 -0.83
N THR B 90 -15.26 -13.33 -0.10
CA THR B 90 -13.86 -13.61 -0.53
C THR B 90 -13.26 -12.24 -0.64
N GLN B 91 -12.50 -11.93 -1.69
CA GLN B 91 -12.39 -10.53 -2.05
C GLN B 91 -12.02 -9.83 -0.75
N ARG B 92 -13.04 -9.21 -0.15
CA ARG B 92 -12.96 -8.54 1.14
C ARG B 92 -12.11 -9.30 2.19
N LEU B 93 -12.20 -10.62 2.22
CA LEU B 93 -11.39 -11.39 3.18
C LEU B 93 -9.93 -11.43 2.80
N ALA B 94 -9.65 -11.64 1.52
CA ALA B 94 -8.27 -11.66 1.02
C ALA B 94 -7.54 -10.35 1.32
N GLU B 95 -8.29 -9.26 1.42
CA GLU B 95 -7.73 -7.99 1.84
C GLU B 95 -7.47 -8.11 3.33
N SER B 96 -8.53 -8.33 4.09
CA SER B 96 -8.43 -8.46 5.53
C SER B 96 -7.27 -9.37 5.97
N PHE B 97 -7.01 -10.44 5.24
CA PHE B 97 -5.84 -11.27 5.55
C PHE B 97 -4.55 -10.52 5.26
N GLU B 98 -4.48 -9.90 4.08
CA GLU B 98 -3.30 -9.12 3.69
C GLU B 98 -2.94 -8.14 4.79
N THR B 99 -3.94 -7.40 5.25
CA THR B 99 -3.84 -6.48 6.36
C THR B 99 -3.35 -7.14 7.67
N ALA B 100 -3.87 -8.32 7.99
CA ALA B 100 -3.48 -8.96 9.23
C ALA B 100 -2.02 -9.39 9.10
N LEU B 101 -1.66 -9.80 7.89
CA LEU B 101 -0.32 -10.34 7.65
C LEU B 101 0.72 -9.24 7.74
N GLU B 102 0.27 -8.01 7.54
CA GLU B 102 1.10 -6.82 7.65
C GLU B 102 1.31 -6.31 9.10
N LEU B 103 0.37 -6.61 9.99
CA LEU B 103 0.42 -6.19 11.39
C LEU B 103 1.32 -7.09 12.21
N SER B 104 1.22 -8.40 11.96
CA SER B 104 2.22 -9.32 12.44
C SER B 104 3.20 -9.31 11.30
N GLY B 105 4.22 -10.15 11.36
CA GLY B 105 5.21 -10.17 10.29
C GLY B 105 4.92 -11.11 9.13
N GLY B 106 3.66 -11.44 8.89
CA GLY B 106 3.35 -12.62 8.08
C GLY B 106 2.69 -13.81 8.75
N THR B 107 2.01 -13.60 9.88
CA THR B 107 1.12 -14.61 10.45
C THR B 107 -0.33 -14.13 10.55
N ALA B 108 -1.26 -15.07 10.67
CA ALA B 108 -2.68 -14.78 10.86
C ALA B 108 -3.33 -15.91 11.64
N VAL B 109 -4.37 -15.58 12.40
CA VAL B 109 -5.08 -16.54 13.23
C VAL B 109 -6.58 -16.28 13.12
N VAL B 110 -7.36 -17.36 13.01
CA VAL B 110 -8.82 -17.28 12.92
C VAL B 110 -9.40 -18.04 14.09
N ALA B 111 -10.36 -17.45 14.81
CA ALA B 111 -10.89 -18.12 16.00
C ALA B 111 -12.40 -18.08 16.09
N ASP B 112 -13.00 -19.14 16.61
CA ASP B 112 -14.45 -19.18 16.77
C ASP B 112 -14.86 -18.13 17.80
N MET B 113 -15.78 -17.26 17.40
CA MET B 113 -16.22 -16.17 18.25
C MET B 113 -17.14 -16.70 19.35
N ASP B 114 -17.86 -17.75 19.02
CA ASP B 114 -18.86 -18.26 19.93
C ASP B 114 -18.29 -19.18 21.01
N ASP B 115 -17.32 -20.01 20.64
CA ASP B 115 -16.77 -21.03 21.53
C ASP B 115 -15.26 -20.88 21.69
N PRO B 116 -14.81 -20.09 22.69
CA PRO B 116 -13.38 -19.76 22.82
C PRO B 116 -12.46 -20.96 23.11
N LYS B 117 -12.99 -22.03 23.68
CA LYS B 117 -12.19 -23.23 23.94
C LYS B 117 -12.02 -24.10 22.69
N ALA B 118 -12.71 -23.75 21.59
CA ALA B 118 -12.57 -24.46 20.32
C ALA B 118 -11.21 -24.15 19.68
N GLU B 119 -10.80 -25.01 18.76
CA GLU B 119 -9.47 -24.87 18.15
C GLU B 119 -9.35 -23.65 17.25
N GLU B 120 -8.13 -23.16 17.11
CA GLU B 120 -7.89 -21.99 16.30
C GLU B 120 -7.13 -22.39 15.06
N LEU B 121 -7.32 -21.63 13.99
CA LEU B 121 -6.57 -21.85 12.77
C LEU B 121 -5.39 -20.89 12.75
N LEU B 122 -4.19 -21.43 12.51
CA LEU B 122 -3.00 -20.61 12.37
C LEU B 122 -2.49 -20.65 10.94
N PHE B 123 -2.50 -19.51 10.27
CA PHE B 123 -1.92 -19.41 8.93
C PHE B 123 -0.62 -18.64 8.98
N SER B 124 0.30 -19.03 8.11
CA SER B 124 1.59 -18.39 8.01
C SER B 124 1.90 -18.09 6.55
N ALA B 125 2.19 -16.83 6.22
CA ALA B 125 2.46 -16.44 4.84
C ALA B 125 3.88 -16.77 4.37
N ASN B 126 4.80 -16.86 5.33
CA ASN B 126 6.19 -17.21 5.04
C ASN B 126 6.87 -16.19 4.11
N VAL C 9 22.85 15.17 -28.30
CA VAL C 9 23.85 15.36 -27.24
C VAL C 9 23.30 16.07 -26.01
N MET C 10 22.71 15.31 -25.08
CA MET C 10 22.09 15.88 -23.89
C MET C 10 22.86 15.68 -22.56
N LYS C 11 22.75 16.64 -21.65
CA LYS C 11 23.49 16.62 -20.40
C LYS C 11 22.56 16.70 -19.19
N LYS C 12 23.13 16.62 -17.99
CA LYS C 12 22.35 16.61 -16.76
C LYS C 12 21.81 18.00 -16.38
N GLY C 13 20.60 18.03 -15.83
CA GLY C 13 19.95 19.28 -15.47
C GLY C 13 19.01 19.85 -16.52
N GLN C 14 19.14 19.42 -17.78
CA GLN C 14 18.38 20.02 -18.86
C GLN C 14 16.90 19.63 -18.87
N ARG C 15 16.06 20.56 -19.31
CA ARG C 15 14.62 20.34 -19.39
C ARG C 15 14.26 19.76 -20.76
N LEU C 16 13.35 18.79 -20.79
CA LEU C 16 13.15 17.98 -22.01
C LEU C 16 11.74 17.44 -22.21
N SER C 17 11.40 17.23 -23.47
CA SER C 17 10.02 16.98 -23.90
C SER C 17 9.41 15.59 -23.60
N ARG C 18 10.21 14.65 -23.11
CA ARG C 18 9.72 13.29 -22.85
C ARG C 18 9.07 12.75 -24.12
N ASP C 19 7.75 12.58 -24.06
CA ASP C 19 7.00 11.97 -25.15
C ASP C 19 7.43 12.54 -26.51
N ALA C 20 7.85 13.80 -26.54
CA ALA C 20 8.38 14.41 -27.77
C ALA C 20 9.79 13.94 -28.14
N LEU C 21 10.48 13.33 -27.18
CA LEU C 21 11.78 12.76 -27.45
C LEU C 21 11.64 11.39 -28.08
N ARG C 22 10.71 10.61 -27.54
CA ARG C 22 10.45 9.27 -28.03
C ARG C 22 10.00 9.27 -29.48
N THR C 23 9.24 10.28 -29.87
CA THR C 23 8.85 10.45 -31.28
C THR C 23 10.08 10.68 -32.16
N GLN C 24 11.09 11.32 -31.59
CA GLN C 24 12.32 11.64 -32.32
C GLN C 24 13.19 10.40 -32.53
N LEU C 25 13.20 9.52 -31.53
CA LEU C 25 13.97 8.27 -31.60
C LEU C 25 13.33 7.27 -32.53
N ASP C 26 12.02 7.41 -32.74
CA ASP C 26 11.32 6.57 -33.67
C ASP C 26 11.65 6.99 -35.09
N SER C 27 11.85 8.29 -35.29
CA SER C 27 12.18 8.82 -36.60
C SER C 27 13.65 8.61 -36.92
N ALA C 28 14.44 8.35 -35.87
CA ALA C 28 15.86 8.10 -36.04
C ALA C 28 16.13 6.61 -36.29
N GLY C 29 15.10 5.78 -36.10
CA GLY C 29 15.19 4.36 -36.37
C GLY C 29 15.20 3.42 -35.17
N TYR C 30 15.38 3.98 -33.98
CA TYR C 30 15.49 3.18 -32.76
C TYR C 30 14.30 2.25 -32.50
N ARG C 31 14.60 1.03 -32.05
CA ARG C 31 13.55 0.05 -31.74
C ARG C 31 13.30 0.03 -30.22
N HIS C 32 12.02 -0.03 -29.84
CA HIS C 32 11.59 0.12 -28.45
C HIS C 32 11.49 -1.25 -27.76
N VAL C 33 12.40 -1.53 -26.83
CA VAL C 33 12.42 -2.82 -26.17
C VAL C 33 12.30 -2.67 -24.64
N ASP C 34 11.98 -3.76 -23.96
CA ASP C 34 11.77 -3.74 -22.52
C ASP C 34 13.08 -3.50 -21.78
N GLN C 35 14.07 -4.36 -22.02
CA GLN C 35 15.42 -4.17 -21.48
C GLN C 35 16.41 -3.93 -22.62
N VAL C 36 17.24 -2.90 -22.47
CA VAL C 36 18.22 -2.58 -23.50
C VAL C 36 19.48 -3.43 -23.40
N MET C 37 19.91 -3.97 -24.54
CA MET C 37 21.04 -4.89 -24.65
C MET C 37 22.05 -4.43 -25.70
N GLU C 38 21.58 -4.27 -26.94
CA GLU C 38 22.44 -4.04 -28.09
C GLU C 38 22.24 -2.63 -28.67
N HIS C 39 23.23 -2.16 -29.43
CA HIS C 39 23.18 -0.85 -30.08
C HIS C 39 21.85 -0.69 -30.84
N GLY C 40 21.19 0.45 -30.64
CA GLY C 40 20.00 0.75 -31.41
C GLY C 40 18.67 0.64 -30.68
N GLU C 41 18.67 0.04 -29.49
CA GLU C 41 17.43 -0.10 -28.73
C GLU C 41 17.27 1.06 -27.74
N TYR C 42 16.11 1.10 -27.08
CA TYR C 42 15.89 1.98 -25.93
C TYR C 42 14.72 1.45 -25.10
N ALA C 43 14.68 1.82 -23.82
CA ALA C 43 13.70 1.28 -22.89
C ALA C 43 13.06 2.37 -22.06
N THR C 44 11.88 2.10 -21.51
CA THR C 44 11.22 3.08 -20.64
C THR C 44 10.59 2.47 -19.38
N ARG C 45 11.07 2.88 -18.21
CA ARG C 45 10.36 2.59 -16.96
C ARG C 45 10.05 3.88 -16.23
N GLY C 46 8.78 4.28 -16.24
CA GLY C 46 8.40 5.49 -15.56
C GLY C 46 9.33 6.62 -15.98
N ALA C 47 9.97 7.23 -14.98
CA ALA C 47 10.90 8.32 -15.21
C ALA C 47 12.24 7.89 -15.82
N LEU C 48 12.54 6.60 -15.83
CA LEU C 48 13.77 6.12 -16.48
C LEU C 48 13.67 6.07 -18.02
N LEU C 49 14.78 6.35 -18.69
CA LEU C 49 14.90 6.09 -20.11
C LEU C 49 16.30 5.54 -20.41
N ASP C 50 16.36 4.30 -20.87
CA ASP C 50 17.63 3.68 -21.19
C ASP C 50 17.90 3.83 -22.68
N LEU C 51 19.17 4.04 -23.06
CA LEU C 51 19.47 4.38 -24.43
C LEU C 51 20.82 3.84 -24.88
N PHE C 52 20.90 3.37 -26.12
CA PHE C 52 22.17 2.89 -26.68
C PHE C 52 22.51 3.51 -28.02
N PRO C 53 23.23 4.66 -28.00
CA PRO C 53 23.63 5.44 -29.17
C PRO C 53 24.59 4.68 -30.09
N MET C 54 24.32 4.72 -31.40
CA MET C 54 25.08 3.92 -32.33
C MET C 54 26.59 4.16 -32.22
N GLY C 55 27.00 5.41 -32.34
CA GLY C 55 28.41 5.76 -32.32
C GLY C 55 29.10 5.56 -30.97
N SER C 56 28.32 5.59 -29.90
CA SER C 56 28.86 5.46 -28.54
C SER C 56 29.09 4.00 -28.15
N GLU C 57 30.17 3.77 -27.42
CA GLU C 57 30.48 2.43 -26.92
C GLU C 57 29.45 1.96 -25.90
N LEU C 58 29.02 2.86 -25.01
CA LEU C 58 28.14 2.49 -23.89
C LEU C 58 26.77 3.17 -23.92
N PRO C 59 25.73 2.43 -23.48
CA PRO C 59 24.34 2.89 -23.33
C PRO C 59 24.09 3.83 -22.15
N TYR C 60 23.39 4.94 -22.39
CA TYR C 60 23.01 5.87 -21.32
C TYR C 60 21.81 5.36 -20.52
N ARG C 61 21.67 5.85 -19.28
CA ARG C 61 20.45 5.68 -18.50
C ARG C 61 20.06 7.04 -17.92
N LEU C 62 18.91 7.55 -18.32
CA LEU C 62 18.47 8.87 -17.89
C LEU C 62 17.37 8.76 -16.87
N ASP C 63 17.49 9.51 -15.78
CA ASP C 63 16.44 9.60 -14.77
C ASP C 63 15.79 10.98 -14.87
N PHE C 64 14.49 11.00 -15.10
CA PHE C 64 13.73 12.25 -15.18
C PHE C 64 13.04 12.54 -13.85
N PHE C 65 13.02 13.80 -13.48
CA PHE C 65 12.09 14.27 -12.49
C PHE C 65 11.19 15.25 -13.21
N ASP C 66 9.96 14.82 -13.49
CA ASP C 66 8.96 15.67 -14.15
C ASP C 66 9.57 16.44 -15.32
N ASP C 67 10.27 15.75 -16.21
CA ASP C 67 10.77 16.40 -17.45
C ASP C 67 12.15 17.11 -17.38
N GLU C 68 12.78 17.14 -16.22
CA GLU C 68 14.17 17.59 -16.15
C GLU C 68 15.06 16.39 -15.87
N ILE C 69 16.14 16.24 -16.62
CA ILE C 69 17.08 15.15 -16.40
C ILE C 69 17.76 15.29 -15.04
N ASP C 70 17.71 14.23 -14.23
CA ASP C 70 18.29 14.25 -12.89
C ASP C 70 19.65 13.59 -12.90
N SER C 71 19.67 12.27 -13.06
CA SER C 71 20.91 11.54 -13.24
C SER C 71 21.06 11.05 -14.69
N LEU C 72 22.19 11.37 -15.30
CA LEU C 72 22.53 10.87 -16.62
C LEU C 72 23.76 9.98 -16.48
N ARG C 73 23.56 8.67 -16.61
CA ARG C 73 24.60 7.69 -16.32
C ARG C 73 24.70 6.60 -17.37
N VAL C 74 25.73 5.77 -17.26
CA VAL C 74 25.92 4.64 -18.15
C VAL C 74 25.69 3.34 -17.39
N PHE C 75 25.25 2.28 -18.08
CA PHE C 75 24.94 1.03 -17.41
C PHE C 75 25.41 -0.24 -18.14
N ASP C 76 25.62 -1.30 -17.37
CA ASP C 76 26.05 -2.59 -17.91
C ASP C 76 24.84 -3.46 -18.30
N VAL C 77 24.79 -3.83 -19.58
CA VAL C 77 23.62 -4.48 -20.17
C VAL C 77 23.28 -5.86 -19.59
N ASP C 78 24.31 -6.60 -19.20
CA ASP C 78 24.12 -7.91 -18.60
C ASP C 78 23.45 -7.78 -17.23
N SER C 79 24.03 -6.91 -16.40
CA SER C 79 23.50 -6.66 -15.06
C SER C 79 22.30 -5.73 -15.04
N GLN C 80 22.26 -4.81 -15.99
CA GLN C 80 21.22 -3.77 -16.05
C GLN C 80 21.49 -2.70 -14.99
N ARG C 81 22.54 -2.93 -14.21
CA ARG C 81 22.88 -2.04 -13.10
C ARG C 81 23.68 -0.83 -13.58
N THR C 82 23.44 0.31 -12.95
CA THR C 82 24.09 1.57 -13.33
C THR C 82 25.60 1.52 -13.03
N LEU C 83 26.40 2.38 -13.66
CA LEU C 83 27.85 2.31 -13.49
C LEU C 83 28.61 3.56 -12.98
N GLU C 84 28.84 4.56 -13.83
CA GLU C 84 29.65 5.72 -13.41
C GLU C 84 29.00 7.11 -13.54
N GLU C 85 28.96 7.66 -14.75
CA GLU C 85 28.30 8.96 -15.01
C GLU C 85 28.52 9.47 -16.45
N VAL C 86 27.85 10.57 -16.80
CA VAL C 86 27.98 11.14 -18.15
C VAL C 86 27.62 12.63 -18.25
N GLU C 87 28.05 13.25 -19.36
CA GLU C 87 27.83 14.67 -19.63
C GLU C 87 27.84 15.55 -18.36
N HIS D 3 -17.16 -6.60 -8.15
CA HIS D 3 -16.96 -6.09 -9.51
C HIS D 3 -16.24 -4.75 -9.52
N MET D 4 -16.13 -4.18 -10.73
CA MET D 4 -15.65 -2.81 -10.98
C MET D 4 -14.24 -2.33 -10.53
N ALA D 5 -13.22 -2.79 -11.26
CA ALA D 5 -11.87 -2.25 -11.15
C ALA D 5 -11.81 -0.79 -11.58
N SER D 6 -10.87 -0.03 -11.03
CA SER D 6 -10.70 1.36 -11.39
C SER D 6 -9.83 1.41 -12.64
N THR D 7 -10.16 2.30 -13.57
CA THR D 7 -9.29 2.47 -14.74
C THR D 7 -8.12 3.41 -14.45
N VAL D 8 -6.99 3.12 -15.08
CA VAL D 8 -5.80 3.96 -15.00
C VAL D 8 -6.21 5.42 -15.18
N SER D 9 -6.99 5.69 -16.20
CA SER D 9 -7.46 7.06 -16.42
C SER D 9 -8.07 7.66 -15.17
N GLN D 10 -8.98 6.93 -14.53
CA GLN D 10 -9.61 7.40 -13.30
C GLN D 10 -8.62 7.75 -12.20
N MET D 11 -7.56 6.95 -12.07
CA MET D 11 -6.57 7.24 -11.04
C MET D 11 -5.66 8.41 -11.41
N VAL D 12 -5.21 8.45 -12.66
CA VAL D 12 -4.54 9.63 -13.21
C VAL D 12 -5.41 10.88 -12.99
N ASP D 13 -6.71 10.71 -12.79
CA ASP D 13 -7.57 11.86 -12.47
C ASP D 13 -7.52 12.17 -10.99
N ASN D 14 -7.36 11.13 -10.17
CA ASN D 14 -7.30 11.25 -8.71
C ASN D 14 -6.06 12.05 -8.32
N VAL D 15 -4.91 11.56 -8.76
CA VAL D 15 -3.71 12.37 -8.80
C VAL D 15 -4.13 13.44 -9.77
N LEU D 16 -3.47 14.58 -9.76
CA LEU D 16 -3.84 15.68 -10.67
C LEU D 16 -5.05 16.49 -10.20
N SER D 17 -5.83 15.94 -9.27
CA SER D 17 -6.79 16.78 -8.55
C SER D 17 -6.13 17.18 -7.24
N GLN D 18 -4.90 16.68 -7.02
CA GLN D 18 -3.99 17.23 -6.03
C GLN D 18 -3.68 18.69 -6.37
N PRO D 19 -3.29 19.48 -5.37
CA PRO D 19 -3.03 20.93 -5.50
C PRO D 19 -1.88 21.26 -6.46
N GLU D 20 -2.00 22.37 -7.20
CA GLU D 20 -1.04 22.66 -8.28
C GLU D 20 0.37 22.79 -7.76
N GLY D 21 1.31 22.20 -8.49
CA GLY D 21 2.73 22.31 -8.18
C GLY D 21 3.31 21.23 -7.28
N LYS D 22 2.46 20.57 -6.49
CA LYS D 22 2.89 19.58 -5.50
C LYS D 22 3.79 18.47 -6.08
N ARG D 23 4.85 18.12 -5.38
CA ARG D 23 5.80 17.12 -5.88
C ARG D 23 5.44 15.71 -5.41
N LEU D 24 5.01 14.86 -6.33
CA LEU D 24 4.51 13.53 -5.97
C LEU D 24 5.40 12.41 -6.51
N MET D 25 5.57 11.35 -5.72
CA MET D 25 6.21 10.12 -6.20
C MET D 25 5.16 9.02 -6.42
N LEU D 26 5.37 8.22 -7.46
CA LEU D 26 4.49 7.09 -7.74
C LEU D 26 5.24 5.82 -7.40
N LEU D 27 4.70 5.04 -6.46
CA LEU D 27 5.35 3.81 -6.05
C LEU D 27 4.59 2.54 -6.46
N ALA D 28 5.35 1.49 -6.76
CA ALA D 28 4.79 0.18 -6.99
C ALA D 28 5.21 -0.74 -5.82
N PRO D 29 4.26 -1.05 -4.92
CA PRO D 29 4.63 -1.90 -3.77
C PRO D 29 5.08 -3.31 -4.18
N ILE D 30 6.32 -3.67 -3.85
CA ILE D 30 6.82 -5.03 -4.03
C ILE D 30 6.60 -5.95 -2.83
N ILE D 31 6.88 -5.43 -1.64
CA ILE D 31 6.75 -6.20 -0.40
C ILE D 31 6.19 -5.32 0.70
N LYS D 32 5.09 -5.75 1.32
CA LYS D 32 4.45 -4.92 2.33
C LYS D 32 4.56 -5.55 3.71
N GLU D 33 5.25 -4.86 4.62
CA GLU D 33 5.32 -5.27 6.01
C GLU D 33 5.62 -6.76 6.25
N ARG D 34 6.55 -7.31 5.48
CA ARG D 34 6.94 -8.71 5.69
C ARG D 34 8.33 -8.89 6.33
N LYS D 35 8.48 -9.96 7.10
CA LYS D 35 9.77 -10.37 7.68
C LYS D 35 10.72 -10.97 6.64
N GLY D 36 12.01 -11.04 6.97
CA GLY D 36 13.01 -11.60 6.07
C GLY D 36 13.97 -10.59 5.45
N GLU D 37 14.98 -11.09 4.74
CA GLU D 37 16.02 -10.25 4.16
C GLU D 37 15.65 -9.63 2.82
N HIS D 38 14.96 -10.42 2.00
CA HIS D 38 14.51 -9.96 0.69
C HIS D 38 15.69 -9.64 -0.21
N THR D 39 16.84 -10.26 0.05
CA THR D 39 17.99 -10.04 -0.81
C THR D 39 17.65 -10.58 -2.18
N LYS D 40 17.11 -11.80 -2.21
CA LYS D 40 16.68 -12.39 -3.46
C LYS D 40 15.77 -11.40 -4.19
N THR D 41 14.76 -10.91 -3.49
CA THR D 41 13.78 -9.99 -4.08
C THR D 41 14.38 -8.64 -4.52
N LEU D 42 15.30 -8.11 -3.73
CA LEU D 42 15.99 -6.86 -4.05
C LEU D 42 16.96 -7.01 -5.21
N GLU D 43 17.67 -8.14 -5.24
CA GLU D 43 18.62 -8.38 -6.30
C GLU D 43 17.90 -8.36 -7.63
N ASN D 44 16.68 -8.90 -7.65
CA ASN D 44 15.92 -8.98 -8.88
C ASN D 44 15.47 -7.62 -9.39
N LEU D 45 14.91 -6.80 -8.50
CA LEU D 45 14.50 -5.45 -8.86
C LEU D 45 15.62 -4.68 -9.57
N ALA D 46 16.82 -4.71 -8.99
CA ALA D 46 17.97 -3.97 -9.54
C ALA D 46 18.27 -4.39 -10.96
N SER D 47 18.02 -5.66 -11.25
CA SER D 47 18.37 -6.27 -12.52
C SER D 47 17.24 -6.20 -13.54
N GLN D 48 16.08 -5.67 -13.14
CA GLN D 48 15.06 -5.31 -14.12
C GLN D 48 15.34 -3.89 -14.61
N GLY D 49 16.41 -3.29 -14.10
CA GLY D 49 16.83 -1.97 -14.53
C GLY D 49 16.25 -0.82 -13.72
N TYR D 50 15.77 -1.11 -12.51
CA TYR D 50 15.25 -0.07 -11.62
C TYR D 50 16.34 0.41 -10.68
N ILE D 51 16.33 1.71 -10.38
CA ILE D 51 17.35 2.33 -9.53
C ILE D 51 16.84 2.74 -8.15
N ARG D 52 15.81 3.58 -8.11
CA ARG D 52 15.21 4.08 -6.87
C ARG D 52 14.06 3.25 -6.28
N ALA D 53 14.27 2.72 -5.08
CA ALA D 53 13.23 2.04 -4.32
C ALA D 53 13.02 2.76 -2.99
N ARG D 54 11.87 2.59 -2.36
CA ARG D 54 11.66 3.17 -1.06
C ARG D 54 11.51 2.06 -0.05
N ILE D 55 12.55 1.89 0.74
CA ILE D 55 12.66 0.75 1.62
C ILE D 55 12.55 1.25 3.04
N ASP D 56 11.53 0.76 3.74
CA ASP D 56 11.26 1.19 5.11
C ASP D 56 11.23 2.71 5.30
N GLY D 57 10.75 3.45 4.29
CA GLY D 57 10.55 4.89 4.43
C GLY D 57 11.73 5.74 3.99
N GLU D 58 12.82 5.06 3.66
CA GLU D 58 14.00 5.70 3.10
C GLU D 58 14.04 5.49 1.60
N VAL D 59 14.51 6.50 0.88
CA VAL D 59 14.69 6.39 -0.56
C VAL D 59 16.11 5.96 -0.87
N CYS D 60 16.28 4.74 -1.38
CA CYS D 60 17.60 4.14 -1.59
C CYS D 60 17.94 3.78 -3.04
N ASP D 61 19.24 3.58 -3.29
CA ASP D 61 19.73 3.07 -4.55
C ASP D 61 19.67 1.54 -4.48
N LEU D 62 18.98 0.93 -5.42
CA LEU D 62 18.81 -0.54 -5.46
C LEU D 62 20.13 -1.29 -5.72
N SER D 63 21.20 -0.55 -6.01
CA SER D 63 22.55 -1.11 -6.09
C SER D 63 23.24 -1.24 -4.71
N ASP D 64 23.06 -0.22 -3.85
CA ASP D 64 23.56 -0.24 -2.47
C ASP D 64 22.35 -0.12 -1.56
N PRO D 65 21.52 -1.16 -1.52
CA PRO D 65 20.37 -1.15 -0.62
C PRO D 65 20.83 -1.41 0.81
N PRO D 66 20.09 -0.91 1.80
CA PRO D 66 20.44 -1.22 3.19
C PRO D 66 20.38 -2.73 3.45
N LYS D 67 21.29 -3.26 4.27
CA LYS D 67 21.07 -4.62 4.73
C LYS D 67 19.78 -4.56 5.55
N LEU D 68 18.96 -5.60 5.45
CA LEU D 68 17.68 -5.64 6.15
C LEU D 68 17.67 -6.78 7.15
N GLU D 69 17.30 -6.48 8.39
CA GLU D 69 17.32 -7.48 9.47
C GLU D 69 16.19 -8.53 9.39
N LEU D 70 16.59 -9.80 9.42
CA LEU D 70 15.67 -10.92 9.25
C LEU D 70 14.45 -10.86 10.17
N GLN D 71 14.67 -10.62 11.45
CA GLN D 71 13.61 -10.65 12.47
C GLN D 71 12.61 -9.48 12.43
N LYS D 72 12.85 -8.49 11.57
CA LYS D 72 11.99 -7.30 11.50
C LYS D 72 11.16 -7.29 10.23
N LYS D 73 10.00 -6.64 10.27
CA LYS D 73 9.15 -6.54 9.09
C LYS D 73 9.54 -5.32 8.28
N HIS D 74 9.71 -5.51 6.97
CA HIS D 74 10.14 -4.44 6.09
C HIS D 74 9.14 -4.23 4.96
N THR D 75 9.24 -3.08 4.30
CA THR D 75 8.45 -2.83 3.12
C THR D 75 9.26 -2.12 2.02
N ILE D 76 9.20 -2.69 0.82
CA ILE D 76 10.00 -2.28 -0.33
C ILE D 76 9.06 -1.86 -1.47
N GLU D 77 9.16 -0.61 -1.90
CA GLU D 77 8.37 -0.13 -3.02
C GLU D 77 9.27 0.51 -4.06
N VAL D 78 9.07 0.18 -5.33
CA VAL D 78 9.85 0.80 -6.39
C VAL D 78 9.30 2.19 -6.63
N VAL D 79 10.17 3.16 -6.89
CA VAL D 79 9.72 4.50 -7.16
C VAL D 79 9.76 4.63 -8.68
N VAL D 80 8.58 4.58 -9.27
CA VAL D 80 8.47 4.38 -10.70
C VAL D 80 8.65 5.71 -11.39
N ASP D 81 7.99 6.73 -10.85
CA ASP D 81 8.07 8.08 -11.40
C ASP D 81 8.10 9.15 -10.27
N ARG D 82 8.64 10.33 -10.57
CA ARG D 82 8.46 11.49 -9.68
C ARG D 82 8.17 12.72 -10.51
N PHE D 83 7.18 13.52 -10.11
CA PHE D 83 6.68 14.57 -11.00
C PHE D 83 5.93 15.64 -10.21
N LYS D 84 5.48 16.69 -10.88
CA LYS D 84 4.76 17.80 -10.23
C LYS D 84 3.38 17.94 -10.85
N VAL D 85 2.36 18.17 -10.02
CA VAL D 85 1.00 18.37 -10.52
C VAL D 85 0.86 19.69 -11.29
N ARG D 86 0.46 19.59 -12.57
CA ARG D 86 0.36 20.71 -13.52
C ARG D 86 -0.94 20.55 -14.36
N ASP D 87 -1.14 21.34 -15.42
CA ASP D 87 -2.37 21.21 -16.22
C ASP D 87 -2.18 20.92 -17.73
N THR D 90 0.43 13.91 -18.36
CA THR D 90 -0.87 13.18 -18.34
C THR D 90 -0.88 11.84 -19.11
N GLN D 91 -0.51 11.90 -20.38
CA GLN D 91 -0.10 10.72 -21.10
C GLN D 91 1.09 10.09 -20.33
N ARG D 92 2.14 10.87 -20.07
CA ARG D 92 3.31 10.41 -19.30
C ARG D 92 2.90 9.69 -18.00
N LEU D 93 2.00 10.32 -17.27
CA LEU D 93 1.55 9.76 -15.98
C LEU D 93 0.85 8.40 -16.14
N ALA D 94 -0.03 8.29 -17.13
CA ALA D 94 -0.75 7.04 -17.35
C ALA D 94 0.16 5.88 -17.72
N GLU D 95 1.19 6.13 -18.55
CA GLU D 95 2.18 5.11 -18.90
C GLU D 95 2.94 4.62 -17.67
N SER D 96 3.05 5.47 -16.65
CA SER D 96 3.77 5.08 -15.45
C SER D 96 2.93 4.24 -14.50
N PHE D 97 1.64 4.55 -14.42
CA PHE D 97 0.69 3.70 -13.68
C PHE D 97 0.67 2.32 -14.33
N GLU D 98 0.62 2.31 -15.66
CA GLU D 98 0.76 1.07 -16.39
C GLU D 98 1.97 0.31 -15.89
N THR D 99 3.13 0.96 -15.91
CA THR D 99 4.39 0.32 -15.52
C THR D 99 4.39 -0.14 -14.06
N ALA D 100 3.89 0.71 -13.15
CA ALA D 100 3.83 0.33 -11.74
C ALA D 100 2.86 -0.82 -11.47
N LEU D 101 1.65 -0.73 -12.01
CA LEU D 101 0.65 -1.80 -11.85
C LEU D 101 1.14 -3.19 -12.33
N GLU D 102 1.71 -3.27 -13.54
CA GLU D 102 2.32 -4.51 -13.98
C GLU D 102 3.42 -5.00 -13.04
N LEU D 103 4.08 -4.05 -12.39
CA LEU D 103 5.23 -4.36 -11.54
C LEU D 103 4.83 -4.90 -10.18
N SER D 104 3.80 -4.30 -9.59
CA SER D 104 3.35 -4.67 -8.24
C SER D 104 2.29 -5.76 -8.26
N GLY D 105 1.77 -6.08 -9.43
CA GLY D 105 0.66 -7.01 -9.54
C GLY D 105 -0.73 -6.42 -9.34
N GLY D 106 -0.90 -5.15 -9.74
CA GLY D 106 -2.17 -4.47 -9.63
C GLY D 106 -2.40 -3.29 -8.68
N THR D 107 -1.45 -3.00 -7.78
CA THR D 107 -1.57 -1.82 -6.92
C THR D 107 -0.50 -0.74 -7.16
N ALA D 108 -0.83 0.50 -6.78
CA ALA D 108 0.08 1.64 -6.88
C ALA D 108 -0.15 2.57 -5.71
N VAL D 109 0.92 3.20 -5.21
CA VAL D 109 0.77 4.25 -4.19
C VAL D 109 1.32 5.58 -4.71
N VAL D 110 0.63 6.67 -4.39
CA VAL D 110 1.13 7.99 -4.70
C VAL D 110 1.38 8.78 -3.40
N ALA D 111 2.58 9.33 -3.24
CA ALA D 111 2.99 9.93 -1.95
C ALA D 111 3.65 11.29 -2.08
N ASP D 112 3.47 12.13 -1.06
CA ASP D 112 4.05 13.49 -1.04
C ASP D 112 5.58 13.42 -0.84
N MET D 113 6.33 14.05 -1.75
CA MET D 113 7.80 14.00 -1.72
C MET D 113 8.39 14.92 -0.66
N ASP D 114 7.68 15.99 -0.36
CA ASP D 114 8.09 16.99 0.61
C ASP D 114 7.51 16.81 2.01
N ASP D 115 6.69 15.79 2.21
CA ASP D 115 6.05 15.58 3.51
C ASP D 115 5.87 14.11 3.86
N PRO D 116 6.93 13.45 4.32
CA PRO D 116 6.93 11.99 4.51
C PRO D 116 5.84 11.52 5.51
N LYS D 117 5.27 12.45 6.26
CA LYS D 117 4.30 12.11 7.31
C LYS D 117 2.86 12.31 6.86
N ALA D 118 2.71 12.81 5.63
CA ALA D 118 1.39 13.02 5.04
C ALA D 118 0.77 11.70 4.57
N GLU D 119 -0.56 11.68 4.46
CA GLU D 119 -1.27 10.52 3.93
C GLU D 119 -0.92 10.21 2.49
N GLU D 120 -0.87 8.92 2.19
CA GLU D 120 -0.67 8.45 0.82
C GLU D 120 -1.96 8.05 0.10
N LEU D 121 -2.00 8.36 -1.19
CA LEU D 121 -3.05 7.89 -2.06
C LEU D 121 -2.83 6.41 -2.41
N LEU D 122 -3.81 5.58 -2.10
CA LEU D 122 -3.79 4.17 -2.46
C LEU D 122 -4.53 3.92 -3.81
N PHE D 123 -4.03 3.00 -4.62
CA PHE D 123 -4.65 2.68 -5.94
C PHE D 123 -4.74 1.20 -6.27
N SER D 124 -5.90 0.74 -6.74
CA SER D 124 -6.02 -0.65 -7.19
C SER D 124 -6.64 -0.77 -8.57
N ALA D 125 -6.05 -1.62 -9.40
CA ALA D 125 -6.65 -2.06 -10.66
C ALA D 125 -7.34 -3.41 -10.45
N ASN D 126 -7.33 -3.87 -9.20
CA ASN D 126 -7.69 -5.22 -8.79
C ASN D 126 -6.74 -6.30 -9.35
#